data_5NO7
#
_entry.id   5NO7
#
_cell.length_a   203.754
_cell.length_b   203.754
_cell.length_c   110.586
_cell.angle_alpha   90.00
_cell.angle_beta   90.00
_cell.angle_gamma   90.00
#
_symmetry.space_group_name_H-M   'P 41 21 2'
#
loop_
_entity.id
_entity.type
_entity.pdbx_description
1 polymer 'Lytic polysaccharide monooxygenase'
2 branched beta-D-mannopyranose-(1-4)-2-acetamido-2-deoxy-beta-D-glucopyranose-(1-4)-2-acetamido-2-deoxy-beta-D-glucopyranose
3 branched alpha-D-mannopyranose-(1-3)-alpha-D-mannopyranose-(1-6)-[alpha-D-mannopyranose-(1-3)]beta-D-mannopyranose-(1-4)-2-acetamido-2-deoxy-beta-D-glucopyranose-(1-4)-2-acetamido-2-deoxy-beta-D-glucopyranose
4 branched alpha-D-mannopyranose-(1-3)-[alpha-D-mannopyranose-(1-6)]beta-D-mannopyranose-(1-4)-2-acetamido-2-deoxy-beta-D-glucopyranose-(1-4)-2-acetamido-2-deoxy-beta-D-glucopyranose
5 branched alpha-D-mannopyranose-(1-3)-beta-D-mannopyranose-(1-4)-2-acetamido-2-deoxy-beta-D-glucopyranose-(1-4)-2-acetamido-2-deoxy-beta-D-glucopyranose
6 branched alpha-D-mannopyranose-(1-2)-[alpha-D-mannopyranose-(1-6)]alpha-D-mannopyranose-(1-3)-[alpha-D-mannopyranose-(1-6)]beta-D-mannopyranose-(1-4)-2-acetamido-2-deoxy-beta-D-glucopyranose-(1-4)-2-acetamido-2-deoxy-beta-D-glucopyranose
7 branched 2-acetamido-2-deoxy-beta-D-glucopyranose-(1-4)-2-acetamido-2-deoxy-beta-D-glucopyranose
8 non-polymer 'SULFATE ION'
#
_entity_poly.entity_id   1
_entity_poly.type   'polypeptide(L)'
_entity_poly.pdbx_seq_one_letter_code
;HIAFWHNSMYGFNVTEQTFPYDNRPVVPLQYMTFQEWWFHNHLDYPPHPGDFFDFPAGKAATAELACNKGATTWFNSSEG
GNIQNGNDPCPGSPPSEYHTTGIDDVKGCAMAIAYESDVRKIKPEDFTVFSVNQTCVWYRFTDFQVPERMPPCPPGGCHC
AWFWIHSPDSGGEQIYMNGFQCNITGSTSHVPLAKPKVARRCGADPDHGKPDAVPGNCTYGAKQPLYWLQKEGNNEFDDY
IAPPFYNDLYNFKDGAQNDIFVDSYPDGIPLEQKLISEEDLNSAVDHHHHHH
;
_entity_poly.pdbx_strand_id   A,B
#
# COMPACT_ATOMS: atom_id res chain seq x y z
N HIS A 1 -3.88 -8.33 -2.47
CA HIS A 1 -2.95 -9.12 -3.35
C HIS A 1 -3.73 -10.08 -4.25
N ILE A 2 -4.16 -9.55 -5.41
CA ILE A 2 -4.90 -10.30 -6.41
C ILE A 2 -4.39 -9.92 -7.79
N ALA A 3 -4.45 -10.85 -8.74
CA ALA A 3 -4.04 -10.60 -10.11
C ALA A 3 -4.89 -11.34 -11.12
N PHE A 4 -4.99 -10.77 -12.32
CA PHE A 4 -5.66 -11.41 -13.45
C PHE A 4 -4.67 -12.41 -14.03
N TRP A 5 -5.04 -13.69 -14.04
CA TRP A 5 -4.15 -14.77 -14.50
C TRP A 5 -4.54 -15.34 -15.85
N HIS A 6 -3.60 -15.30 -16.79
CA HIS A 6 -3.78 -15.87 -18.12
C HIS A 6 -2.43 -15.91 -18.83
N ASN A 7 -2.23 -16.87 -19.74
CA ASN A 7 -0.96 -17.00 -20.45
C ASN A 7 -0.64 -15.84 -21.41
N SER A 8 -1.64 -15.02 -21.70
CA SER A 8 -1.48 -13.85 -22.56
C SER A 8 -1.09 -12.59 -21.78
N MET A 9 -0.94 -12.72 -20.46
CA MET A 9 -0.61 -11.57 -19.63
C MET A 9 0.88 -11.26 -19.68
N TYR A 10 1.20 -10.00 -19.43
CA TYR A 10 2.59 -9.57 -19.31
C TYR A 10 3.07 -9.95 -17.91
N GLY A 11 4.30 -10.42 -17.82
CA GLY A 11 4.88 -10.86 -16.55
C GLY A 11 4.21 -12.11 -16.02
N PHE A 12 3.82 -13.00 -16.94
CA PHE A 12 3.14 -14.24 -16.59
C PHE A 12 3.95 -15.11 -15.63
N ASN A 13 5.27 -15.15 -15.85
CA ASN A 13 6.17 -15.97 -15.03
C ASN A 13 7.05 -15.18 -14.07
N VAL A 14 6.75 -13.89 -13.90
CA VAL A 14 7.52 -13.05 -12.97
C VAL A 14 7.30 -13.51 -11.54
N THR A 15 8.40 -13.64 -10.79
CA THR A 15 8.34 -14.07 -9.40
C THR A 15 8.91 -12.98 -8.49
N GLU A 16 8.92 -13.26 -7.19
CA GLU A 16 9.37 -12.30 -6.18
C GLU A 16 10.82 -11.86 -6.39
N GLN A 17 11.69 -12.81 -6.73
CA GLN A 17 13.12 -12.52 -6.90
C GLN A 17 13.52 -12.05 -8.31
N THR A 18 12.58 -12.05 -9.26
CA THR A 18 12.86 -11.62 -10.63
C THR A 18 13.39 -10.18 -10.71
N PHE A 19 12.76 -9.27 -9.99
CA PHE A 19 13.19 -7.87 -9.94
C PHE A 19 13.88 -7.63 -8.59
N PRO A 20 14.60 -6.49 -8.47
CA PRO A 20 15.21 -6.14 -7.17
C PRO A 20 14.15 -5.98 -6.09
N TYR A 21 12.98 -5.47 -6.47
CA TYR A 21 11.84 -5.31 -5.58
C TYR A 21 10.80 -6.37 -5.93
N ASP A 22 9.78 -6.50 -5.08
CA ASP A 22 8.71 -7.46 -5.32
C ASP A 22 7.75 -6.89 -6.36
N ASN A 23 7.78 -7.46 -7.56
CA ASN A 23 6.95 -6.99 -8.66
C ASN A 23 6.12 -8.11 -9.28
N ARG A 24 5.64 -9.03 -8.45
CA ARG A 24 4.79 -10.11 -8.93
C ARG A 24 3.46 -9.52 -9.39
N PRO A 25 2.77 -10.18 -10.34
CA PRO A 25 1.47 -9.69 -10.83
C PRO A 25 0.47 -9.29 -9.74
N VAL A 26 0.52 -9.96 -8.59
CA VAL A 26 -0.43 -9.71 -7.50
C VAL A 26 -0.05 -8.52 -6.61
N VAL A 27 1.19 -8.04 -6.72
CA VAL A 27 1.63 -6.92 -5.90
C VAL A 27 0.85 -5.64 -6.24
N PRO A 28 0.38 -4.91 -5.22
CA PRO A 28 -0.37 -3.67 -5.46
C PRO A 28 0.52 -2.51 -5.90
N LEU A 29 -0.09 -1.57 -6.62
CA LEU A 29 0.61 -0.39 -7.14
C LEU A 29 0.22 0.82 -6.30
N GLN A 30 1.21 1.47 -5.69
CA GLN A 30 0.97 2.59 -4.79
C GLN A 30 2.16 3.55 -4.75
N TYR A 31 1.88 4.83 -5.01
CA TYR A 31 2.90 5.89 -5.03
C TYR A 31 4.14 5.48 -5.83
N MET A 32 3.89 5.05 -7.07
CA MET A 32 4.94 4.61 -7.98
C MET A 32 5.11 5.58 -9.14
N THR A 33 6.30 5.56 -9.72
CA THR A 33 6.60 6.34 -10.92
C THR A 33 5.89 5.66 -12.09
N PHE A 34 5.70 6.38 -13.19
CA PHE A 34 4.94 5.85 -14.32
C PHE A 34 5.44 4.48 -14.77
N GLN A 35 6.75 4.36 -14.97
CA GLN A 35 7.36 3.11 -15.44
C GLN A 35 7.07 1.93 -14.51
N GLU A 36 7.02 2.20 -13.20
CA GLU A 36 6.77 1.17 -12.20
C GLU A 36 5.31 0.72 -12.17
N TRP A 37 4.36 1.65 -12.22
CA TRP A 37 2.94 1.30 -12.13
C TRP A 37 2.34 0.90 -13.49
N TRP A 38 2.74 1.58 -14.56
CA TRP A 38 2.20 1.31 -15.91
C TRP A 38 2.53 -0.11 -16.38
N PHE A 39 1.48 -0.89 -16.64
CA PHE A 39 1.60 -2.30 -17.04
C PHE A 39 2.29 -3.17 -15.99
N HIS A 40 2.35 -2.68 -14.76
CA HIS A 40 3.01 -3.38 -13.65
C HIS A 40 4.49 -3.60 -13.95
N ASN A 41 5.06 -2.70 -14.75
CA ASN A 41 6.45 -2.79 -15.18
C ASN A 41 6.82 -4.20 -15.68
N HIS A 42 5.92 -4.77 -16.49
CA HIS A 42 6.12 -6.11 -17.06
C HIS A 42 6.22 -6.10 -18.59
N LEU A 43 6.52 -4.94 -19.18
CA LEU A 43 6.63 -4.83 -20.64
C LEU A 43 7.78 -5.69 -21.19
N ASP A 44 8.87 -5.81 -20.43
CA ASP A 44 10.01 -6.63 -20.84
C ASP A 44 9.78 -8.13 -20.62
N TYR A 45 8.61 -8.50 -20.12
CA TYR A 45 8.24 -9.91 -19.93
C TYR A 45 6.92 -10.19 -20.64
N PRO A 46 6.90 -10.04 -21.98
CA PRO A 46 5.67 -10.24 -22.71
C PRO A 46 5.33 -11.72 -22.89
N PRO A 47 4.07 -12.04 -23.16
CA PRO A 47 3.65 -13.42 -23.38
C PRO A 47 4.14 -13.89 -24.75
N HIS A 48 3.86 -15.15 -25.09
CA HIS A 48 4.23 -15.65 -26.41
C HIS A 48 3.31 -14.99 -27.44
N PRO A 49 3.82 -14.75 -28.66
CA PRO A 49 3.06 -13.99 -29.66
C PRO A 49 1.68 -14.55 -30.01
N GLY A 50 1.50 -15.87 -29.91
CA GLY A 50 0.24 -16.52 -30.26
C GLY A 50 -0.82 -16.61 -29.16
N ASP A 51 -0.45 -16.26 -27.94
CA ASP A 51 -1.38 -16.34 -26.80
C ASP A 51 -2.20 -15.05 -26.63
N PHE A 52 -3.52 -15.18 -26.83
CA PHE A 52 -4.46 -14.07 -26.70
C PHE A 52 -5.67 -14.47 -25.86
N PHE A 53 -6.21 -13.50 -25.12
CA PHE A 53 -7.45 -13.68 -24.37
C PHE A 53 -8.58 -13.20 -25.29
N ASP A 54 -9.53 -14.08 -25.58
CA ASP A 54 -10.61 -13.76 -26.51
C ASP A 54 -11.85 -13.18 -25.83
N PHE A 55 -12.32 -12.04 -26.34
CA PHE A 55 -13.55 -11.41 -25.87
C PHE A 55 -14.63 -11.54 -26.94
N PRO A 56 -15.62 -12.41 -26.71
CA PRO A 56 -16.67 -12.60 -27.71
C PRO A 56 -17.77 -11.55 -27.61
N ALA A 57 -17.92 -10.76 -28.67
CA ALA A 57 -18.93 -9.70 -28.72
C ALA A 57 -20.32 -10.23 -28.37
N GLY A 58 -21.04 -9.48 -27.54
CA GLY A 58 -22.39 -9.84 -27.13
C GLY A 58 -22.47 -11.06 -26.23
N LYS A 59 -21.32 -11.48 -25.69
CA LYS A 59 -21.25 -12.67 -24.83
C LYS A 59 -20.31 -12.44 -23.65
N ALA A 60 -20.44 -13.31 -22.65
CA ALA A 60 -19.60 -13.24 -21.45
C ALA A 60 -18.21 -13.79 -21.71
N ALA A 61 -17.23 -13.27 -20.97
CA ALA A 61 -15.86 -13.72 -21.06
C ALA A 61 -15.35 -13.97 -19.64
N THR A 62 -15.16 -15.24 -19.30
CA THR A 62 -14.71 -15.60 -17.95
C THR A 62 -13.22 -15.35 -17.76
N ALA A 63 -12.87 -14.61 -16.72
CA ALA A 63 -11.50 -14.31 -16.37
C ALA A 63 -11.20 -14.92 -15.01
N GLU A 64 -9.92 -15.22 -14.75
CA GLU A 64 -9.52 -15.82 -13.48
C GLU A 64 -8.73 -14.82 -12.64
N LEU A 65 -9.25 -14.55 -11.45
CA LEU A 65 -8.64 -13.60 -10.52
C LEU A 65 -8.27 -14.36 -9.25
N ALA A 66 -7.01 -14.26 -8.83
CA ALA A 66 -6.56 -14.98 -7.64
C ALA A 66 -5.26 -14.43 -7.05
N CYS A 67 -5.00 -14.80 -5.80
CA CYS A 67 -3.79 -14.37 -5.10
C CYS A 67 -2.57 -15.16 -5.53
N ASN A 68 -2.80 -16.33 -6.12
CA ASN A 68 -1.72 -17.18 -6.60
C ASN A 68 -2.11 -17.86 -7.91
N LYS A 69 -1.12 -18.05 -8.78
CA LYS A 69 -1.35 -18.74 -10.04
C LYS A 69 -1.71 -20.20 -9.80
N GLY A 70 -1.30 -20.75 -8.65
CA GLY A 70 -1.66 -22.11 -8.25
C GLY A 70 -3.15 -22.28 -8.03
N ALA A 71 -3.83 -21.20 -7.65
CA ALA A 71 -5.27 -21.21 -7.44
C ALA A 71 -6.07 -21.05 -8.74
N THR A 72 -5.37 -20.98 -9.87
CA THR A 72 -6.02 -20.86 -11.18
C THR A 72 -5.69 -22.08 -12.05
N THR A 73 -6.26 -22.10 -13.25
CA THR A 73 -6.03 -23.18 -14.21
C THR A 73 -4.59 -23.21 -14.71
N TRP A 74 -3.88 -22.09 -14.57
CA TRP A 74 -2.50 -21.97 -15.02
C TRP A 74 -1.51 -22.38 -13.94
N PHE A 75 -1.93 -23.30 -13.07
CA PHE A 75 -1.10 -23.75 -11.95
C PHE A 75 0.16 -24.52 -12.37
N ASN A 76 0.12 -25.12 -13.56
CA ASN A 76 1.28 -25.90 -14.04
C ASN A 76 2.55 -25.04 -14.26
N SER A 77 2.37 -23.75 -14.49
CA SER A 77 3.49 -22.82 -14.61
C SER A 77 3.82 -22.16 -13.27
N SER A 78 3.01 -22.44 -12.24
CA SER A 78 3.24 -21.92 -10.90
C SER A 78 4.07 -22.93 -10.11
N GLU A 79 4.89 -22.45 -9.17
CA GLU A 79 5.76 -23.34 -8.40
C GLU A 79 5.09 -24.20 -7.30
N GLY A 80 4.07 -23.66 -6.64
CA GLY A 80 3.39 -24.38 -5.56
C GLY A 80 2.54 -25.58 -5.98
N GLY A 81 2.18 -25.66 -7.25
CA GLY A 81 1.27 -26.68 -7.74
C GLY A 81 -0.18 -26.24 -7.62
N ASN A 82 -1.09 -27.17 -7.90
CA ASN A 82 -2.52 -26.90 -7.89
C ASN A 82 -3.13 -26.81 -6.51
N ILE A 83 -3.70 -25.64 -6.18
CA ILE A 83 -4.41 -25.43 -4.93
C ILE A 83 -5.80 -24.83 -5.15
N GLN A 84 -6.26 -24.81 -6.40
CA GLN A 84 -7.53 -24.16 -6.73
C GLN A 84 -8.71 -24.84 -6.07
N ASN A 85 -9.69 -24.03 -5.68
CA ASN A 85 -10.86 -24.52 -4.95
C ASN A 85 -12.13 -23.75 -5.34
N GLY A 86 -12.64 -24.06 -6.53
CA GLY A 86 -13.87 -23.43 -7.02
C GLY A 86 -13.74 -21.94 -7.25
N ASN A 87 -14.74 -21.19 -6.79
CA ASN A 87 -14.75 -19.73 -6.95
C ASN A 87 -13.92 -18.95 -5.93
N ASP A 88 -13.20 -19.65 -5.05
CA ASP A 88 -12.37 -18.97 -4.04
C ASP A 88 -11.15 -18.32 -4.71
N PRO A 89 -11.06 -16.97 -4.65
CA PRO A 89 -9.91 -16.27 -5.24
C PRO A 89 -8.60 -16.50 -4.48
N CYS A 90 -8.68 -16.84 -3.20
CA CYS A 90 -7.47 -17.14 -2.43
C CYS A 90 -7.76 -18.24 -1.40
N PRO A 91 -7.62 -19.52 -1.82
CA PRO A 91 -7.87 -20.66 -0.94
C PRO A 91 -6.96 -20.67 0.28
N GLY A 92 -7.53 -20.89 1.45
CA GLY A 92 -6.77 -20.94 2.70
C GLY A 92 -6.67 -19.62 3.44
N SER A 93 -7.14 -18.54 2.82
CA SER A 93 -7.12 -17.21 3.43
C SER A 93 -8.53 -16.58 3.36
N PRO A 94 -8.83 -15.67 4.31
CA PRO A 94 -10.17 -15.08 4.37
C PRO A 94 -10.36 -13.94 3.36
N PRO A 95 -11.59 -13.38 3.29
CA PRO A 95 -11.86 -12.29 2.34
C PRO A 95 -11.08 -11.00 2.60
N SER A 96 -10.50 -10.85 3.79
CA SER A 96 -9.66 -9.68 4.09
C SER A 96 -8.46 -9.63 3.16
N GLU A 97 -8.07 -10.78 2.63
CA GLU A 97 -6.98 -10.88 1.66
C GLU A 97 -7.40 -10.20 0.34
N TYR A 98 -8.68 -10.30 -0.03
CA TYR A 98 -9.17 -9.62 -1.23
C TYR A 98 -9.61 -8.18 -0.89
N HIS A 99 -9.25 -7.70 0.30
CA HIS A 99 -9.60 -6.35 0.77
C HIS A 99 -11.10 -6.06 0.77
N THR A 100 -11.87 -6.94 1.40
CA THR A 100 -13.31 -6.77 1.54
C THR A 100 -13.82 -7.48 2.80
N THR A 101 -14.86 -6.91 3.41
CA THR A 101 -15.47 -7.48 4.60
C THR A 101 -16.47 -8.57 4.20
N GLY A 102 -17.15 -8.35 3.07
CA GLY A 102 -18.12 -9.30 2.54
C GLY A 102 -18.49 -8.99 1.11
N ILE A 103 -19.47 -9.71 0.58
CA ILE A 103 -19.92 -9.51 -0.80
C ILE A 103 -20.52 -8.10 -1.01
N ASP A 104 -21.07 -7.53 0.05
CA ASP A 104 -21.66 -6.19 -0.01
C ASP A 104 -20.62 -5.06 -0.03
N ASP A 105 -19.39 -5.37 0.40
CA ASP A 105 -18.32 -4.37 0.49
C ASP A 105 -17.35 -4.37 -0.71
N VAL A 106 -17.64 -5.18 -1.73
CA VAL A 106 -16.81 -5.19 -2.94
C VAL A 106 -17.15 -3.98 -3.80
N LYS A 107 -16.14 -3.41 -4.44
CA LYS A 107 -16.32 -2.16 -5.21
C LYS A 107 -16.23 -2.31 -6.73
N GLY A 108 -16.07 -3.54 -7.23
CA GLY A 108 -16.04 -3.77 -8.66
C GLY A 108 -14.71 -3.50 -9.35
N CYS A 109 -14.53 -4.14 -10.50
CA CYS A 109 -13.32 -4.02 -11.30
C CYS A 109 -13.70 -3.97 -12.78
N ALA A 110 -12.74 -3.66 -13.64
CA ALA A 110 -13.03 -3.45 -15.06
C ALA A 110 -11.98 -4.03 -16.02
N MET A 111 -12.36 -4.07 -17.30
CA MET A 111 -11.46 -4.47 -18.38
C MET A 111 -11.39 -3.29 -19.35
N ALA A 112 -10.18 -2.79 -19.59
CA ALA A 112 -9.97 -1.72 -20.56
C ALA A 112 -9.37 -2.30 -21.84
N ILE A 113 -9.44 -1.54 -22.93
CA ILE A 113 -8.90 -1.98 -24.21
C ILE A 113 -8.30 -0.82 -25.02
N ALA A 114 -7.20 -1.11 -25.71
CA ALA A 114 -6.54 -0.17 -26.58
C ALA A 114 -6.25 -0.85 -27.91
N TYR A 115 -6.84 -0.35 -28.99
CA TYR A 115 -6.68 -0.93 -30.32
C TYR A 115 -5.31 -0.58 -30.89
N GLU A 116 -4.29 -1.30 -30.44
CA GLU A 116 -2.91 -1.11 -30.86
C GLU A 116 -2.15 -2.41 -30.72
N SER A 117 -1.51 -2.84 -31.82
CA SER A 117 -0.74 -4.09 -31.84
C SER A 117 0.62 -3.94 -31.16
N ASP A 118 1.20 -2.75 -31.16
CA ASP A 118 2.49 -2.49 -30.53
C ASP A 118 2.30 -1.87 -29.14
N VAL A 119 2.56 -2.66 -28.10
CA VAL A 119 2.38 -2.22 -26.71
C VAL A 119 3.16 -0.95 -26.36
N ARG A 120 4.30 -0.73 -27.01
CA ARG A 120 5.15 0.43 -26.75
C ARG A 120 4.49 1.75 -27.14
N LYS A 121 3.56 1.71 -28.10
CA LYS A 121 2.84 2.91 -28.54
C LYS A 121 1.62 3.26 -27.69
N ILE A 122 1.20 2.35 -26.81
CA ILE A 122 0.00 2.58 -25.99
C ILE A 122 0.27 3.58 -24.88
N LYS A 123 -0.63 4.56 -24.75
CA LYS A 123 -0.55 5.59 -23.73
C LYS A 123 -1.74 5.45 -22.77
N PRO A 124 -1.62 5.98 -21.54
CA PRO A 124 -2.69 5.84 -20.55
C PRO A 124 -4.03 6.39 -21.00
N GLU A 125 -4.00 7.43 -21.84
CA GLU A 125 -5.21 8.06 -22.35
C GLU A 125 -5.90 7.18 -23.39
N ASP A 126 -5.19 6.21 -23.95
CA ASP A 126 -5.72 5.35 -25.02
C ASP A 126 -6.67 4.27 -24.53
N PHE A 127 -6.47 3.78 -23.30
CA PHE A 127 -7.34 2.73 -22.75
C PHE A 127 -8.79 3.17 -22.56
N THR A 128 -9.71 2.30 -22.98
CA THR A 128 -11.15 2.52 -22.87
C THR A 128 -11.77 1.36 -22.10
N VAL A 129 -12.49 1.68 -21.03
CA VAL A 129 -13.18 0.64 -20.24
C VAL A 129 -14.39 0.17 -21.04
N PHE A 130 -14.37 -1.09 -21.45
CA PHE A 130 -15.45 -1.65 -22.27
C PHE A 130 -16.34 -2.65 -21.54
N SER A 131 -15.88 -3.15 -20.39
CA SER A 131 -16.67 -4.09 -19.60
C SER A 131 -16.35 -3.95 -18.12
N VAL A 132 -17.38 -4.10 -17.29
CA VAL A 132 -17.27 -3.95 -15.84
C VAL A 132 -18.07 -5.03 -15.14
N ASN A 133 -17.59 -5.44 -13.97
CA ASN A 133 -18.34 -6.34 -13.09
C ASN A 133 -18.23 -5.77 -11.68
N GLN A 134 -19.35 -5.25 -11.18
CA GLN A 134 -19.37 -4.57 -9.89
C GLN A 134 -19.19 -5.48 -8.68
N THR A 135 -19.47 -6.77 -8.85
CA THR A 135 -19.28 -7.74 -7.78
C THR A 135 -17.92 -8.40 -8.03
N CYS A 136 -16.86 -7.58 -8.01
CA CYS A 136 -15.54 -8.08 -8.36
C CYS A 136 -14.63 -8.33 -7.19
N VAL A 137 -13.76 -9.32 -7.40
CA VAL A 137 -12.86 -9.83 -6.38
C VAL A 137 -13.71 -10.41 -5.25
N TRP A 138 -14.61 -11.29 -5.67
CA TRP A 138 -15.40 -12.13 -4.77
C TRP A 138 -15.35 -13.55 -5.33
N TYR A 139 -15.66 -13.68 -6.64
CA TYR A 139 -15.59 -14.95 -7.34
C TYR A 139 -14.30 -15.01 -8.16
N ARG A 140 -13.64 -16.17 -8.17
CA ARG A 140 -12.43 -16.37 -8.96
C ARG A 140 -12.76 -16.32 -10.45
N PHE A 141 -13.82 -17.02 -10.84
CA PHE A 141 -14.28 -16.98 -12.22
C PHE A 141 -15.22 -15.79 -12.38
N THR A 142 -14.64 -14.65 -12.73
CA THR A 142 -15.40 -13.41 -12.90
C THR A 142 -15.68 -13.15 -14.37
N ASP A 143 -16.95 -13.18 -14.75
CA ASP A 143 -17.35 -12.94 -16.14
C ASP A 143 -17.38 -11.45 -16.45
N PHE A 144 -17.07 -11.13 -17.71
CA PHE A 144 -17.11 -9.77 -18.21
C PHE A 144 -17.92 -9.74 -19.50
N GLN A 145 -19.05 -9.04 -19.47
CA GLN A 145 -19.93 -8.95 -20.63
C GLN A 145 -19.29 -8.04 -21.67
N VAL A 146 -19.15 -8.54 -22.89
CA VAL A 146 -18.54 -7.78 -23.97
C VAL A 146 -19.64 -7.11 -24.79
N PRO A 147 -19.44 -5.84 -25.19
CA PRO A 147 -20.46 -5.19 -26.00
C PRO A 147 -20.61 -5.85 -27.37
N GLU A 148 -21.82 -5.84 -27.91
CA GLU A 148 -22.11 -6.45 -29.20
C GLU A 148 -21.44 -5.70 -30.35
N ARG A 149 -21.42 -4.38 -30.27
CA ARG A 149 -20.87 -3.54 -31.35
C ARG A 149 -19.36 -3.31 -31.28
N MET A 150 -18.62 -4.22 -30.63
CA MET A 150 -17.17 -4.09 -30.55
C MET A 150 -16.55 -4.39 -31.92
N PRO A 151 -15.77 -3.45 -32.48
CA PRO A 151 -15.14 -3.64 -33.78
C PRO A 151 -13.95 -4.59 -33.71
N PRO A 152 -13.49 -5.10 -34.88
CA PRO A 152 -12.36 -6.02 -34.90
C PRO A 152 -11.05 -5.29 -34.66
N CYS A 153 -10.13 -5.96 -33.96
CA CYS A 153 -8.82 -5.37 -33.66
C CYS A 153 -7.87 -5.49 -34.86
N PRO A 154 -6.81 -4.66 -34.87
CA PRO A 154 -5.85 -4.67 -35.98
C PRO A 154 -5.15 -6.03 -36.19
N PRO A 155 -4.44 -6.18 -37.32
CA PRO A 155 -3.75 -7.43 -37.72
C PRO A 155 -2.98 -8.15 -36.62
N GLY A 156 -2.20 -7.40 -35.82
CA GLY A 156 -1.39 -7.99 -34.75
C GLY A 156 -2.08 -8.09 -33.40
N GLY A 157 -3.41 -8.05 -33.40
CA GLY A 157 -4.19 -8.07 -32.17
C GLY A 157 -4.18 -6.72 -31.47
N CYS A 158 -4.81 -6.66 -30.30
CA CYS A 158 -4.86 -5.45 -29.49
C CYS A 158 -4.50 -5.79 -28.04
N HIS A 159 -4.42 -4.77 -27.19
CA HIS A 159 -4.06 -4.95 -25.79
C HIS A 159 -5.18 -4.55 -24.84
N CYS A 160 -5.25 -5.26 -23.72
CA CYS A 160 -6.24 -5.02 -22.68
C CYS A 160 -5.57 -4.93 -21.32
N ALA A 161 -6.33 -4.50 -20.32
CA ALA A 161 -5.84 -4.40 -18.96
C ALA A 161 -6.96 -4.58 -17.96
N TRP A 162 -6.66 -5.28 -16.87
CA TRP A 162 -7.61 -5.51 -15.79
C TRP A 162 -7.28 -4.57 -14.65
N PHE A 163 -8.26 -3.76 -14.26
CA PHE A 163 -8.07 -2.80 -13.18
C PHE A 163 -8.99 -3.11 -12.00
N TRP A 164 -8.57 -2.70 -10.80
CA TRP A 164 -9.35 -2.93 -9.59
C TRP A 164 -8.96 -1.97 -8.47
N ILE A 165 -9.96 -1.35 -7.85
CA ILE A 165 -9.77 -0.50 -6.68
C ILE A 165 -10.76 -0.99 -5.63
N HIS A 166 -10.26 -1.21 -4.41
CA HIS A 166 -11.08 -1.79 -3.34
C HIS A 166 -11.52 -0.78 -2.29
N SER A 167 -12.36 -1.23 -1.38
CA SER A 167 -12.92 -0.39 -0.33
C SER A 167 -11.84 0.12 0.63
N PRO A 168 -12.05 1.31 1.24
CA PRO A 168 -11.09 1.83 2.22
C PRO A 168 -11.19 1.14 3.58
N ASP A 169 -12.33 0.51 3.86
CA ASP A 169 -12.56 -0.12 5.17
C ASP A 169 -11.83 -1.45 5.38
N SER A 170 -11.03 -1.89 4.41
CA SER A 170 -10.26 -3.13 4.57
C SER A 170 -8.86 -2.99 3.96
N GLY A 171 -7.86 -2.95 4.84
CA GLY A 171 -6.46 -2.89 4.43
C GLY A 171 -6.03 -1.58 3.81
N GLY A 172 -4.75 -1.52 3.43
CA GLY A 172 -4.15 -0.35 2.82
C GLY A 172 -4.71 -0.11 1.44
N GLU A 173 -4.73 1.15 1.02
CA GLU A 173 -5.34 1.52 -0.25
C GLU A 173 -4.29 1.63 -1.36
N GLN A 174 -4.71 1.24 -2.57
CA GLN A 174 -3.83 1.17 -3.73
C GLN A 174 -4.67 0.96 -4.99
N ILE A 175 -4.00 0.72 -6.12
CA ILE A 175 -4.69 0.28 -7.35
C ILE A 175 -4.05 -1.02 -7.84
N TYR A 176 -4.75 -1.70 -8.75
CA TYR A 176 -4.27 -2.95 -9.33
C TYR A 176 -4.37 -2.90 -10.86
N MET A 177 -3.31 -3.34 -11.53
CA MET A 177 -3.29 -3.36 -12.99
C MET A 177 -2.53 -4.58 -13.51
N ASN A 178 -3.13 -5.26 -14.49
CA ASN A 178 -2.52 -6.40 -15.15
C ASN A 178 -2.82 -6.34 -16.65
N GLY A 179 -1.83 -5.93 -17.44
CA GLY A 179 -1.99 -5.85 -18.88
C GLY A 179 -1.82 -7.20 -19.56
N PHE A 180 -2.42 -7.36 -20.74
CA PHE A 180 -2.35 -8.62 -21.47
C PHE A 180 -2.77 -8.50 -22.92
N GLN A 181 -2.38 -9.46 -23.74
CA GLN A 181 -2.76 -9.51 -25.14
C GLN A 181 -4.17 -10.05 -25.26
N CYS A 182 -5.04 -9.27 -25.90
CA CYS A 182 -6.43 -9.69 -26.10
C CYS A 182 -6.83 -9.55 -27.56
N ASN A 183 -8.00 -10.08 -27.88
CA ASN A 183 -8.54 -10.02 -29.22
C ASN A 183 -10.05 -10.21 -29.17
N ILE A 184 -10.76 -9.64 -30.15
CA ILE A 184 -12.22 -9.70 -30.17
C ILE A 184 -12.74 -10.63 -31.26
N THR A 185 -13.60 -11.56 -30.84
CA THR A 185 -14.21 -12.53 -31.74
C THR A 185 -15.70 -12.23 -31.86
N GLY A 186 -16.33 -12.70 -32.93
CA GLY A 186 -17.76 -12.50 -33.17
C GLY A 186 -18.13 -11.07 -33.52
N SER A 187 -17.17 -10.32 -34.07
CA SER A 187 -17.38 -8.92 -34.42
C SER A 187 -18.36 -8.78 -35.58
N THR A 188 -19.41 -7.98 -35.37
CA THR A 188 -20.41 -7.70 -36.41
C THR A 188 -20.56 -6.19 -36.59
N SER A 189 -19.44 -5.48 -36.56
CA SER A 189 -19.43 -4.03 -36.70
C SER A 189 -18.01 -3.52 -37.00
N HIS A 190 -17.93 -2.32 -37.57
CA HIS A 190 -16.65 -1.69 -37.88
C HIS A 190 -16.53 -0.26 -37.34
N VAL A 191 -17.55 0.20 -36.62
CA VAL A 191 -17.54 1.54 -36.04
C VAL A 191 -16.59 1.53 -34.84
N PRO A 192 -15.50 2.32 -34.91
CA PRO A 192 -14.50 2.30 -33.84
C PRO A 192 -14.97 2.94 -32.53
N LEU A 193 -14.12 2.85 -31.50
CA LEU A 193 -14.42 3.42 -30.20
C LEU A 193 -14.09 4.91 -30.19
N ALA A 194 -14.84 5.66 -29.39
CA ALA A 194 -14.60 7.09 -29.23
C ALA A 194 -13.40 7.29 -28.32
N LYS A 195 -12.73 8.44 -28.43
CA LYS A 195 -11.59 8.74 -27.58
C LYS A 195 -12.06 8.83 -26.13
N PRO A 196 -11.55 7.94 -25.27
CA PRO A 196 -12.03 7.87 -23.89
C PRO A 196 -11.63 9.08 -23.06
N LYS A 197 -12.49 9.46 -22.11
CA LYS A 197 -12.28 10.64 -21.28
C LYS A 197 -12.29 10.28 -19.80
N VAL A 198 -11.73 11.17 -18.98
CA VAL A 198 -11.59 10.94 -17.55
C VAL A 198 -12.94 10.80 -16.87
N ALA A 199 -13.08 9.77 -16.03
CA ALA A 199 -14.33 9.51 -15.31
C ALA A 199 -14.47 10.46 -14.13
N ARG A 200 -15.64 11.07 -14.01
CA ARG A 200 -15.92 12.04 -12.95
C ARG A 200 -16.71 11.39 -11.81
N ARG A 201 -16.49 11.88 -10.59
CA ARG A 201 -17.18 11.35 -9.40
C ARG A 201 -18.64 11.79 -9.48
N CYS A 202 -19.43 11.00 -10.18
CA CYS A 202 -20.80 11.36 -10.56
C CYS A 202 -21.88 10.92 -9.58
N GLY A 203 -21.95 9.62 -9.33
CA GLY A 203 -23.01 9.01 -8.53
C GLY A 203 -23.08 9.42 -7.06
N ALA A 204 -24.02 8.80 -6.35
CA ALA A 204 -24.26 9.11 -4.95
C ALA A 204 -23.38 8.30 -4.02
N ASP A 205 -23.09 8.86 -2.86
CA ASP A 205 -22.35 8.16 -1.81
C ASP A 205 -22.68 8.78 -0.44
N PRO A 206 -23.71 8.23 0.23
CA PRO A 206 -24.14 8.73 1.54
C PRO A 206 -23.00 8.89 2.56
N ASP A 207 -22.06 7.96 2.56
CA ASP A 207 -20.93 7.96 3.50
C ASP A 207 -20.12 9.26 3.50
N HIS A 208 -19.89 9.82 2.32
CA HIS A 208 -19.08 11.04 2.18
C HIS A 208 -19.91 12.32 2.01
N GLY A 209 -21.17 12.29 2.45
CA GLY A 209 -22.03 13.48 2.43
C GLY A 209 -23.21 13.42 1.49
N LYS A 210 -22.93 13.58 0.19
CA LYS A 210 -23.98 13.63 -0.83
C LYS A 210 -24.76 12.34 -1.00
N PRO A 211 -26.07 12.35 -0.65
CA PRO A 211 -26.90 11.16 -0.78
C PRO A 211 -27.60 11.04 -2.15
N ASP A 212 -27.59 12.11 -2.94
CA ASP A 212 -28.25 12.13 -4.25
C ASP A 212 -27.23 12.26 -5.37
N ALA A 213 -27.41 11.45 -6.42
CA ALA A 213 -26.51 11.48 -7.57
C ALA A 213 -26.70 12.78 -8.36
N VAL A 214 -25.68 13.15 -9.12
CA VAL A 214 -25.72 14.38 -9.93
C VAL A 214 -25.50 14.02 -11.40
N PRO A 215 -26.58 13.61 -12.11
CA PRO A 215 -26.52 13.20 -13.52
C PRO A 215 -25.71 14.13 -14.43
N GLY A 216 -25.81 15.44 -14.18
CA GLY A 216 -25.12 16.44 -15.00
C GLY A 216 -23.60 16.43 -14.89
N ASN A 217 -23.07 15.75 -13.88
CA ASN A 217 -21.63 15.71 -13.64
C ASN A 217 -20.95 14.46 -14.19
N CYS A 218 -21.73 13.57 -14.80
CA CYS A 218 -21.24 12.30 -15.33
C CYS A 218 -20.42 12.44 -16.60
N THR A 219 -19.54 11.46 -16.81
CA THR A 219 -18.82 11.30 -18.06
C THR A 219 -19.56 10.17 -18.77
N TYR A 220 -20.19 10.47 -19.91
CA TYR A 220 -21.10 9.52 -20.56
C TYR A 220 -20.50 8.66 -21.67
N GLY A 221 -19.52 9.19 -22.41
CA GLY A 221 -18.93 8.44 -23.52
C GLY A 221 -18.03 7.30 -23.06
N ALA A 222 -16.97 7.06 -23.82
CA ALA A 222 -15.95 6.08 -23.45
C ALA A 222 -15.17 6.66 -22.28
N LYS A 223 -14.87 5.83 -21.29
CA LYS A 223 -14.15 6.28 -20.10
C LYS A 223 -12.78 5.61 -19.94
N GLN A 224 -11.81 6.40 -19.47
CA GLN A 224 -10.47 5.89 -19.20
C GLN A 224 -10.46 5.13 -17.88
N PRO A 225 -9.42 4.31 -17.64
CA PRO A 225 -9.34 3.65 -16.34
C PRO A 225 -9.05 4.65 -15.23
N LEU A 226 -9.23 4.24 -13.98
CA LEU A 226 -8.99 5.10 -12.83
C LEU A 226 -7.54 5.00 -12.36
N TYR A 227 -6.70 5.91 -12.83
CA TYR A 227 -5.30 5.97 -12.40
C TYR A 227 -5.23 6.85 -11.16
N TRP A 228 -4.86 6.25 -10.04
CA TRP A 228 -4.98 6.91 -8.76
C TRP A 228 -3.92 6.47 -7.75
N LEU A 229 -3.59 7.38 -6.82
CA LEU A 229 -2.66 7.11 -5.72
C LEU A 229 -1.21 6.85 -6.15
N GLN A 230 -0.83 7.32 -7.33
CA GLN A 230 0.53 7.12 -7.83
C GLN A 230 1.36 8.39 -7.76
N LYS A 231 2.65 8.26 -8.04
CA LYS A 231 3.55 9.40 -8.04
C LYS A 231 3.43 10.19 -9.35
N GLU A 232 3.07 9.50 -10.44
CA GLU A 232 2.96 10.12 -11.76
C GLU A 232 1.77 9.58 -12.56
N GLY A 233 1.27 10.40 -13.47
CA GLY A 233 0.24 9.99 -14.43
C GLY A 233 -1.14 9.67 -13.88
N ASN A 234 -1.59 10.45 -12.91
CA ASN A 234 -2.91 10.26 -12.31
C ASN A 234 -3.98 11.09 -13.02
N ASN A 235 -5.15 10.49 -13.23
CA ASN A 235 -6.32 11.21 -13.76
C ASN A 235 -7.37 11.45 -12.67
N GLU A 236 -7.27 10.71 -11.56
CA GLU A 236 -8.12 10.91 -10.39
C GLU A 236 -7.24 11.43 -9.26
N PHE A 237 -7.75 12.40 -8.51
CA PHE A 237 -6.98 13.03 -7.44
C PHE A 237 -7.71 13.02 -6.11
N ASP A 238 -8.58 12.04 -5.91
CA ASP A 238 -9.32 11.91 -4.65
C ASP A 238 -8.39 11.54 -3.50
N ASP A 239 -8.82 11.79 -2.27
CA ASP A 239 -8.01 11.48 -1.11
C ASP A 239 -8.00 9.98 -0.84
N TYR A 240 -6.91 9.53 -0.22
CA TYR A 240 -6.70 8.14 0.19
C TYR A 240 -7.96 7.47 0.74
N ILE A 241 -8.70 8.17 1.59
CA ILE A 241 -9.89 7.60 2.25
C ILE A 241 -11.20 7.70 1.45
N ALA A 242 -11.17 8.39 0.30
CA ALA A 242 -12.34 8.53 -0.56
C ALA A 242 -12.00 8.11 -1.99
N PRO A 243 -11.53 6.87 -2.17
CA PRO A 243 -11.06 6.39 -3.47
C PRO A 243 -12.16 6.30 -4.53
N PRO A 244 -11.77 6.42 -5.81
CA PRO A 244 -12.71 6.21 -6.91
C PRO A 244 -12.94 4.72 -7.11
N PHE A 245 -14.07 4.35 -7.69
CA PHE A 245 -14.40 2.95 -7.92
C PHE A 245 -14.94 2.71 -9.33
N TYR A 246 -14.95 1.45 -9.75
CA TYR A 246 -15.57 1.06 -11.00
C TYR A 246 -17.01 0.68 -10.66
N ASN A 247 -17.79 1.72 -10.33
CA ASN A 247 -19.17 1.60 -9.86
C ASN A 247 -20.05 2.64 -10.51
N ASP A 248 -21.31 2.66 -10.08
CA ASP A 248 -22.25 3.71 -10.48
C ASP A 248 -21.67 5.06 -10.05
N LEU A 249 -20.94 5.08 -8.94
CA LEU A 249 -20.28 6.29 -8.42
C LEU A 249 -19.48 7.05 -9.48
N TYR A 250 -18.89 6.34 -10.44
CA TYR A 250 -18.17 6.97 -11.55
C TYR A 250 -18.81 6.63 -12.90
N ASN A 251 -20.11 6.35 -12.87
CA ASN A 251 -20.91 6.02 -14.05
C ASN A 251 -20.44 4.75 -14.78
N PHE A 252 -19.84 3.83 -14.04
CA PHE A 252 -19.47 2.54 -14.61
C PHE A 252 -20.60 1.55 -14.32
N LYS A 253 -21.51 1.43 -15.27
CA LYS A 253 -22.66 0.52 -15.13
C LYS A 253 -22.19 -0.93 -15.10
N ASP A 254 -22.88 -1.75 -14.31
CA ASP A 254 -22.56 -3.17 -14.21
C ASP A 254 -22.79 -3.78 -15.58
N GLY A 255 -21.86 -4.60 -16.04
CA GLY A 255 -21.97 -5.24 -17.36
C GLY A 255 -21.20 -4.50 -18.43
N ALA A 256 -21.59 -4.71 -19.68
CA ALA A 256 -20.89 -4.12 -20.82
C ALA A 256 -21.15 -2.63 -20.97
N GLN A 257 -20.12 -1.90 -21.38
CA GLN A 257 -20.23 -0.47 -21.64
C GLN A 257 -20.56 -0.30 -23.12
N ASN A 258 -21.86 -0.23 -23.42
CA ASN A 258 -22.36 -0.19 -24.79
C ASN A 258 -22.31 1.16 -25.49
N ASP A 259 -22.02 2.22 -24.75
CA ASP A 259 -22.04 3.59 -25.29
C ASP A 259 -20.64 4.18 -25.53
N ILE A 260 -19.66 3.31 -25.81
CA ILE A 260 -18.27 3.74 -25.98
C ILE A 260 -17.87 4.01 -27.43
N PHE A 261 -18.82 3.93 -28.34
CA PHE A 261 -18.53 4.05 -29.78
C PHE A 261 -18.86 5.42 -30.33
N VAL A 262 -18.35 5.71 -31.52
CA VAL A 262 -18.53 7.02 -32.14
C VAL A 262 -20.00 7.31 -32.45
N ASP A 263 -20.70 6.31 -32.97
CA ASP A 263 -22.12 6.46 -33.32
C ASP A 263 -23.08 6.26 -32.15
N SER A 264 -22.55 5.97 -30.95
CA SER A 264 -23.37 5.71 -29.76
C SER A 264 -24.34 6.84 -29.47
N TYR A 265 -23.82 8.06 -29.34
CA TYR A 265 -24.67 9.23 -29.08
C TYR A 265 -24.85 10.04 -30.38
N PRO A 266 -26.06 10.00 -30.98
CA PRO A 266 -26.29 10.70 -32.26
C PRO A 266 -26.23 12.21 -32.11
N ASP A 267 -26.98 12.74 -31.13
CA ASP A 267 -27.02 14.17 -30.85
C ASP A 267 -25.85 14.62 -29.97
N GLY A 268 -24.91 13.71 -29.68
CA GLY A 268 -23.72 14.06 -28.91
C GLY A 268 -23.98 14.16 -27.42
N ILE A 269 -23.04 14.76 -26.71
CA ILE A 269 -23.14 14.97 -25.27
C ILE A 269 -23.01 16.47 -24.99
N PRO A 270 -24.14 17.20 -25.01
CA PRO A 270 -24.15 18.63 -24.67
C PRO A 270 -23.52 18.97 -23.31
N LEU A 271 -23.57 18.03 -22.37
CA LEU A 271 -22.96 18.20 -21.04
C LEU A 271 -21.45 18.47 -21.09
N GLU A 272 -20.80 18.08 -22.18
CA GLU A 272 -19.38 18.34 -22.35
C GLU A 272 -19.06 19.83 -22.51
N GLN A 273 -20.09 20.64 -22.75
CA GLN A 273 -19.93 22.10 -22.80
C GLN A 273 -19.49 22.64 -21.43
N LYS A 274 -19.98 22.01 -20.36
CA LYS A 274 -19.64 22.40 -18.99
C LYS A 274 -18.20 22.06 -18.64
N LEU A 275 -17.61 21.08 -19.35
CA LEU A 275 -16.21 20.71 -19.18
C LEU A 275 -15.28 21.70 -19.89
N ILE A 276 -15.77 22.30 -20.97
CA ILE A 276 -15.01 23.28 -21.75
C ILE A 276 -14.80 24.60 -20.99
N SER A 277 -15.75 24.94 -20.11
CA SER A 277 -15.67 26.17 -19.32
C SER A 277 -14.52 26.15 -18.30
N GLU A 278 -14.23 24.97 -17.75
CA GLU A 278 -13.15 24.81 -16.76
C GLU A 278 -11.77 24.94 -17.38
N HIS B 1 1.64 -5.83 7.87
CA HIS B 1 0.62 -5.55 8.92
C HIS B 1 1.12 -5.94 10.31
N ILE B 2 1.85 -5.02 10.94
CA ILE B 2 2.41 -5.20 12.29
C ILE B 2 2.23 -3.91 13.08
N ALA B 3 2.08 -4.03 14.39
CA ALA B 3 1.96 -2.86 15.27
C ALA B 3 2.61 -3.07 16.61
N PHE B 4 3.05 -1.97 17.22
CA PHE B 4 3.58 -1.99 18.58
C PHE B 4 2.38 -1.98 19.53
N TRP B 5 2.28 -3.02 20.36
CA TRP B 5 1.14 -3.18 21.26
C TRP B 5 1.46 -2.91 22.74
N HIS B 6 0.73 -1.98 23.31
CA HIS B 6 0.86 -1.63 24.73
C HIS B 6 -0.31 -0.74 25.14
N ASN B 7 -0.71 -0.80 26.41
CA ASN B 7 -1.86 0.00 26.90
C ASN B 7 -1.62 1.51 26.89
N SER B 8 -0.37 1.91 26.74
CA SER B 8 0.00 3.32 26.69
C SER B 8 -0.01 3.88 25.26
N MET B 9 -0.35 3.04 24.28
CA MET B 9 -0.37 3.47 22.89
C MET B 9 -1.63 4.24 22.55
N TYR B 10 -1.52 5.10 21.54
CA TYR B 10 -2.68 5.81 21.02
C TYR B 10 -3.42 4.87 20.10
N GLY B 11 -4.76 4.92 20.15
CA GLY B 11 -5.59 4.03 19.35
C GLY B 11 -5.48 2.58 19.79
N PHE B 12 -5.32 2.38 21.10
CA PHE B 12 -5.16 1.04 21.66
C PHE B 12 -6.35 0.14 21.35
N ASN B 13 -7.56 0.70 21.39
CA ASN B 13 -8.79 -0.06 21.12
C ASN B 13 -9.42 0.21 19.77
N VAL B 14 -8.73 0.92 18.88
CA VAL B 14 -9.26 1.22 17.54
C VAL B 14 -9.39 -0.06 16.73
N THR B 15 -10.55 -0.22 16.08
CA THR B 15 -10.83 -1.39 15.26
C THR B 15 -11.09 -0.97 13.82
N GLU B 16 -11.35 -1.96 12.97
CA GLU B 16 -11.57 -1.72 11.54
C GLU B 16 -12.72 -0.77 11.26
N GLN B 17 -13.83 -0.93 11.99
CA GLN B 17 -15.04 -0.13 11.77
C GLN B 17 -15.05 1.22 12.53
N THR B 18 -14.07 1.45 13.39
CA THR B 18 -13.99 2.69 14.18
C THR B 18 -13.97 3.95 13.30
N PHE B 19 -13.16 3.94 12.26
CA PHE B 19 -13.07 5.05 11.30
C PHE B 19 -13.80 4.66 10.01
N PRO B 20 -14.08 5.64 9.14
CA PRO B 20 -14.67 5.31 7.83
C PRO B 20 -13.78 4.39 7.02
N TYR B 21 -12.47 4.58 7.15
CA TYR B 21 -11.47 3.75 6.50
C TYR B 21 -10.83 2.83 7.55
N ASP B 22 -10.03 1.88 7.10
CA ASP B 22 -9.35 0.96 8.01
C ASP B 22 -8.14 1.67 8.58
N ASN B 23 -8.21 1.99 9.87
CA ASN B 23 -7.13 2.72 10.55
C ASN B 23 -6.68 2.01 11.83
N ARG B 24 -6.67 0.68 11.80
CA ARG B 24 -6.19 -0.10 12.93
C ARG B 24 -4.69 0.12 13.10
N PRO B 25 -4.18 0.00 14.33
CA PRO B 25 -2.75 0.19 14.58
C PRO B 25 -1.81 -0.56 13.63
N VAL B 26 -2.23 -1.71 13.12
CA VAL B 26 -1.40 -2.54 12.22
C VAL B 26 -1.44 -2.10 10.76
N VAL B 27 -2.40 -1.26 10.39
CA VAL B 27 -2.53 -0.80 9.01
C VAL B 27 -1.31 0.05 8.61
N PRO B 28 -0.74 -0.23 7.42
CA PRO B 28 0.41 0.53 6.95
C PRO B 28 0.05 1.94 6.47
N LEU B 29 1.04 2.83 6.54
CA LEU B 29 0.87 4.23 6.14
C LEU B 29 1.56 4.43 4.80
N GLN B 30 0.79 4.88 3.81
CA GLN B 30 1.30 5.05 2.44
C GLN B 30 0.53 6.13 1.68
N TYR B 31 1.27 7.10 1.13
CA TYR B 31 0.69 8.22 0.38
C TYR B 31 -0.49 8.86 1.10
N MET B 32 -0.26 9.22 2.37
CA MET B 32 -1.27 9.82 3.22
C MET B 32 -0.94 11.28 3.51
N THR B 33 -1.98 12.05 3.83
CA THR B 33 -1.82 13.43 4.25
C THR B 33 -1.27 13.41 5.68
N PHE B 34 -0.69 14.52 6.11
CA PHE B 34 -0.05 14.56 7.43
C PHE B 34 -0.94 14.04 8.54
N GLN B 35 -2.17 14.54 8.61
CA GLN B 35 -3.11 14.15 9.66
C GLN B 35 -3.38 12.65 9.68
N GLU B 36 -3.40 12.04 8.50
CA GLU B 36 -3.66 10.60 8.37
C GLU B 36 -2.46 9.74 8.82
N TRP B 37 -1.25 10.10 8.40
CA TRP B 37 -0.07 9.29 8.74
C TRP B 37 0.52 9.62 10.11
N TRP B 38 0.51 10.91 10.49
CA TRP B 38 1.09 11.34 11.77
C TRP B 38 0.35 10.73 12.97
N PHE B 39 1.09 9.97 13.78
CA PHE B 39 0.53 9.25 14.93
C PHE B 39 -0.56 8.24 14.57
N HIS B 40 -0.59 7.84 13.28
CA HIS B 40 -1.58 6.92 12.76
C HIS B 40 -3.00 7.46 12.94
N ASN B 41 -3.12 8.80 12.95
CA ASN B 41 -4.39 9.49 13.16
C ASN B 41 -5.15 8.92 14.37
N HIS B 42 -4.43 8.69 15.47
CA HIS B 42 -5.00 8.15 16.70
C HIS B 42 -4.91 9.13 17.88
N LEU B 43 -4.70 10.42 17.60
CA LEU B 43 -4.59 11.42 18.67
C LEU B 43 -5.89 11.55 19.47
N ASP B 44 -7.03 11.39 18.82
CA ASP B 44 -8.33 11.46 19.49
C ASP B 44 -8.68 10.18 20.26
N TYR B 45 -7.77 9.19 20.24
CA TYR B 45 -7.95 7.95 21.00
C TYR B 45 -6.74 7.71 21.89
N PRO B 46 -6.52 8.61 22.87
CA PRO B 46 -5.35 8.49 23.71
C PRO B 46 -5.53 7.44 24.79
N PRO B 47 -4.43 6.94 25.36
CA PRO B 47 -4.51 5.95 26.43
C PRO B 47 -4.96 6.62 27.73
N HIS B 48 -5.10 5.84 28.79
CA HIS B 48 -5.45 6.43 30.08
C HIS B 48 -4.23 7.19 30.59
N PRO B 49 -4.46 8.30 31.34
CA PRO B 49 -3.35 9.16 31.77
C PRO B 49 -2.23 8.48 32.55
N GLY B 50 -2.55 7.42 33.29
CA GLY B 50 -1.57 6.73 34.13
C GLY B 50 -0.77 5.62 33.46
N ASP B 51 -1.13 5.25 32.23
CA ASP B 51 -0.45 4.18 31.50
C ASP B 51 0.76 4.68 30.70
N PHE B 52 1.95 4.25 31.11
CA PHE B 52 3.19 4.62 30.44
C PHE B 52 4.09 3.40 30.19
N PHE B 53 4.83 3.44 29.07
CA PHE B 53 5.81 2.42 28.75
C PHE B 53 7.14 2.91 29.32
N ASP B 54 7.76 2.12 30.19
CA ASP B 54 8.99 2.54 30.87
C ASP B 54 10.26 2.09 30.14
N PHE B 55 11.16 3.05 29.91
CA PHE B 55 12.46 2.79 29.30
C PHE B 55 13.56 2.96 30.36
N PRO B 56 14.15 1.84 30.83
CA PRO B 56 15.18 1.94 31.85
C PRO B 56 16.55 2.25 31.27
N ALA B 57 17.12 3.41 31.65
CA ALA B 57 18.43 3.84 31.16
C ALA B 57 19.48 2.76 31.38
N GLY B 58 20.31 2.54 30.35
CA GLY B 58 21.39 1.55 30.42
C GLY B 58 20.91 0.10 30.46
N LYS B 59 19.63 -0.12 30.15
CA LYS B 59 19.04 -1.46 30.20
C LYS B 59 18.10 -1.69 29.02
N ALA B 60 17.78 -2.96 28.78
CA ALA B 60 16.89 -3.35 27.70
C ALA B 60 15.42 -3.10 28.07
N ALA B 61 14.61 -2.83 27.05
CA ALA B 61 13.18 -2.61 27.23
C ALA B 61 12.45 -3.47 26.21
N THR B 62 11.78 -4.52 26.68
CA THR B 62 11.07 -5.43 25.79
C THR B 62 9.75 -4.84 25.32
N ALA B 63 9.56 -4.83 23.99
CA ALA B 63 8.33 -4.34 23.36
C ALA B 63 7.67 -5.50 22.64
N GLU B 64 6.35 -5.42 22.46
CA GLU B 64 5.61 -6.46 21.77
C GLU B 64 5.12 -5.99 20.40
N LEU B 65 5.55 -6.70 19.36
CA LEU B 65 5.20 -6.38 17.99
C LEU B 65 4.42 -7.56 17.41
N ALA B 66 3.25 -7.29 16.87
CA ALA B 66 2.41 -8.36 16.30
C ALA B 66 1.34 -7.86 15.34
N CYS B 67 0.81 -8.79 14.55
CA CYS B 67 -0.24 -8.49 13.57
C CYS B 67 -1.60 -8.35 14.25
N ASN B 68 -1.72 -8.90 15.45
CA ASN B 68 -2.97 -8.83 16.22
C ASN B 68 -2.69 -8.65 17.70
N LYS B 69 -3.56 -7.90 18.38
CA LYS B 69 -3.43 -7.70 19.82
C LYS B 69 -3.65 -9.02 20.57
N GLY B 70 -4.38 -9.95 19.94
CA GLY B 70 -4.58 -11.28 20.50
C GLY B 70 -3.29 -12.07 20.61
N ALA B 71 -2.33 -11.77 19.74
CA ALA B 71 -1.03 -12.43 19.76
C ALA B 71 -0.07 -11.83 20.79
N THR B 72 -0.54 -10.84 21.55
CA THR B 72 0.27 -10.20 22.58
C THR B 72 -0.36 -10.41 23.96
N THR B 73 0.31 -9.92 25.00
CA THR B 73 -0.16 -10.02 26.37
C THR B 73 -1.44 -9.22 26.61
N TRP B 74 -1.70 -8.25 25.73
CA TRP B 74 -2.88 -7.40 25.85
C TRP B 74 -4.09 -7.99 25.13
N PHE B 75 -4.15 -9.32 25.04
CA PHE B 75 -5.22 -10.01 24.33
C PHE B 75 -6.60 -9.85 24.97
N ASN B 76 -6.63 -9.58 26.27
CA ASN B 76 -7.90 -9.41 27.00
C ASN B 76 -8.73 -8.22 26.52
N SER B 77 -8.08 -7.24 25.92
CA SER B 77 -8.78 -6.10 25.31
C SER B 77 -9.03 -6.31 23.81
N SER B 78 -8.52 -7.41 23.27
CA SER B 78 -8.70 -7.75 21.86
C SER B 78 -9.93 -8.60 21.62
N GLU B 79 -10.53 -8.42 20.45
CA GLU B 79 -11.63 -9.25 19.98
C GLU B 79 -10.94 -10.51 19.46
N GLY B 80 -11.50 -11.67 19.76
CA GLY B 80 -10.95 -12.93 19.28
C GLY B 80 -10.19 -13.73 20.33
N GLY B 81 -9.65 -13.06 21.34
CA GLY B 81 -9.01 -13.76 22.47
C GLY B 81 -7.53 -14.05 22.29
N ASN B 82 -7.00 -14.88 23.18
CA ASN B 82 -5.57 -15.20 23.20
C ASN B 82 -5.16 -16.20 22.12
N ILE B 83 -4.26 -15.77 21.24
CA ILE B 83 -3.69 -16.64 20.22
C ILE B 83 -2.15 -16.58 20.20
N GLN B 84 -1.56 -15.97 21.24
CA GLN B 84 -0.10 -15.77 21.25
C GLN B 84 0.67 -17.09 21.30
N ASN B 85 1.81 -17.12 20.62
CA ASN B 85 2.63 -18.31 20.50
C ASN B 85 4.13 -17.98 20.51
N GLY B 86 4.65 -17.66 21.69
CA GLY B 86 6.08 -17.36 21.86
C GLY B 86 6.51 -16.11 21.11
N ASN B 87 7.65 -16.21 20.43
CA ASN B 87 8.21 -15.08 19.67
C ASN B 87 7.60 -14.85 18.30
N ASP B 88 6.57 -15.62 17.93
CA ASP B 88 5.92 -15.47 16.63
C ASP B 88 5.10 -14.15 16.59
N PRO B 89 5.50 -13.20 15.72
CA PRO B 89 4.75 -11.93 15.62
C PRO B 89 3.37 -12.09 15.00
N CYS B 90 3.16 -13.13 14.21
CA CYS B 90 1.84 -13.38 13.64
C CYS B 90 1.58 -14.89 13.53
N PRO B 91 1.04 -15.48 14.61
CA PRO B 91 0.74 -16.92 14.64
C PRO B 91 -0.26 -17.34 13.58
N GLY B 92 0.05 -18.42 12.87
CA GLY B 92 -0.83 -18.95 11.82
C GLY B 92 -0.53 -18.43 10.43
N SER B 93 0.38 -17.46 10.32
CA SER B 93 0.78 -16.90 9.03
C SER B 93 2.31 -16.92 8.90
N PRO B 94 2.81 -16.97 7.65
CA PRO B 94 4.25 -17.04 7.41
C PRO B 94 4.96 -15.68 7.53
N PRO B 95 6.31 -15.66 7.41
CA PRO B 95 7.07 -14.42 7.51
C PRO B 95 6.77 -13.38 6.43
N SER B 96 6.13 -13.79 5.33
CA SER B 96 5.74 -12.86 4.27
C SER B 96 4.75 -11.82 4.82
N GLU B 97 4.05 -12.19 5.89
CA GLU B 97 3.12 -11.27 6.56
C GLU B 97 3.90 -10.13 7.24
N TYR B 98 5.10 -10.43 7.75
CA TYR B 98 5.95 -9.38 8.35
C TYR B 98 6.82 -8.73 7.26
N HIS B 99 6.52 -8.98 5.99
CA HIS B 99 7.25 -8.43 4.84
C HIS B 99 8.75 -8.75 4.85
N THR B 100 9.07 -10.04 4.98
CA THR B 100 10.45 -10.50 4.95
C THR B 100 10.52 -11.95 4.47
N THR B 101 11.61 -12.28 3.78
CA THR B 101 11.83 -13.64 3.27
C THR B 101 12.43 -14.52 4.36
N GLY B 102 13.27 -13.91 5.21
CA GLY B 102 13.90 -14.62 6.32
C GLY B 102 14.52 -13.64 7.31
N ILE B 103 15.25 -14.19 8.28
CA ILE B 103 15.91 -13.36 9.31
C ILE B 103 16.99 -12.45 8.70
N ASP B 104 17.57 -12.87 7.59
CA ASP B 104 18.59 -12.09 6.89
C ASP B 104 18.02 -10.90 6.10
N ASP B 105 16.74 -10.95 5.78
CA ASP B 105 16.07 -9.93 4.96
C ASP B 105 15.33 -8.85 5.78
N VAL B 106 15.44 -8.91 7.10
CA VAL B 106 14.81 -7.90 7.96
C VAL B 106 15.66 -6.63 7.95
N LYS B 107 15.01 -5.47 7.97
CA LYS B 107 15.70 -4.18 7.84
C LYS B 107 15.74 -3.33 9.10
N GLY B 108 15.23 -3.85 10.22
CA GLY B 108 15.30 -3.13 11.49
C GLY B 108 14.25 -2.06 11.70
N CYS B 109 14.01 -1.75 12.97
CA CYS B 109 13.02 -0.73 13.37
C CYS B 109 13.58 0.05 14.55
N ALA B 110 12.90 1.15 14.90
CA ALA B 110 13.43 2.07 15.93
C ALA B 110 12.38 2.60 16.89
N MET B 111 12.87 3.21 17.97
CA MET B 111 12.04 3.90 18.96
C MET B 111 12.49 5.36 18.98
N ALA B 112 11.59 6.28 18.72
CA ALA B 112 11.89 7.71 18.80
C ALA B 112 11.29 8.29 20.08
N ILE B 113 11.76 9.47 20.46
CA ILE B 113 11.27 10.14 21.69
C ILE B 113 11.22 11.66 21.54
N ALA B 114 10.19 12.25 22.12
CA ALA B 114 10.02 13.70 22.14
C ALA B 114 9.68 14.12 23.56
N TYR B 115 10.53 14.93 24.17
CA TYR B 115 10.34 15.38 25.55
C TYR B 115 9.27 16.46 25.61
N GLU B 116 8.02 16.02 25.56
CA GLU B 116 6.87 16.92 25.60
C GLU B 116 5.67 16.18 26.20
N SER B 117 5.08 16.77 27.23
CA SER B 117 3.92 16.17 27.91
C SER B 117 2.62 16.33 27.13
N ASP B 118 2.52 17.39 26.32
CA ASP B 118 1.32 17.65 25.50
C ASP B 118 1.54 17.17 24.07
N VAL B 119 0.89 16.07 23.71
CA VAL B 119 1.03 15.46 22.37
C VAL B 119 0.72 16.44 21.22
N ARG B 120 -0.18 17.38 21.45
CA ARG B 120 -0.58 18.36 20.44
C ARG B 120 0.54 19.29 20.01
N LYS B 121 1.52 19.51 20.90
CA LYS B 121 2.64 20.39 20.61
C LYS B 121 3.80 19.68 19.89
N ILE B 122 3.75 18.35 19.81
CA ILE B 122 4.84 17.59 19.18
C ILE B 122 4.80 17.71 17.66
N LYS B 123 5.96 18.02 17.09
CA LYS B 123 6.13 18.15 15.64
C LYS B 123 7.06 17.06 15.13
N PRO B 124 6.98 16.73 13.82
CA PRO B 124 7.80 15.65 13.27
C PRO B 124 9.30 15.85 13.45
N GLU B 125 9.73 17.11 13.47
CA GLU B 125 11.14 17.44 13.65
C GLU B 125 11.61 17.20 15.09
N ASP B 126 10.68 17.10 16.02
CA ASP B 126 11.01 16.95 17.44
C ASP B 126 11.45 15.54 17.84
N PHE B 127 10.94 14.52 17.14
CA PHE B 127 11.30 13.14 17.46
C PHE B 127 12.77 12.82 17.23
N THR B 128 13.37 12.13 18.21
CA THR B 128 14.76 11.72 18.16
C THR B 128 14.83 10.21 18.35
N VAL B 129 15.48 9.52 17.41
CA VAL B 129 15.65 8.07 17.50
C VAL B 129 16.72 7.80 18.56
N PHE B 130 16.31 7.16 19.66
CA PHE B 130 17.22 6.87 20.78
C PHE B 130 17.60 5.40 20.92
N SER B 131 16.86 4.51 20.27
CA SER B 131 17.15 3.09 20.32
C SER B 131 16.71 2.39 19.03
N VAL B 132 17.52 1.42 18.61
CA VAL B 132 17.29 0.69 17.37
C VAL B 132 17.56 -0.80 17.58
N ASN B 133 16.82 -1.63 16.85
CA ASN B 133 17.08 -3.07 16.81
C ASN B 133 17.02 -3.49 15.34
N GLN B 134 18.17 -3.82 14.77
CA GLN B 134 18.27 -4.12 13.34
C GLN B 134 17.64 -5.45 12.93
N THR B 135 17.45 -6.36 13.89
CA THR B 135 16.80 -7.63 13.62
C THR B 135 15.33 -7.48 14.05
N CYS B 136 14.64 -6.53 13.41
CA CYS B 136 13.29 -6.20 13.81
C CYS B 136 12.20 -6.77 12.93
N VAL B 137 11.08 -7.05 13.59
CA VAL B 137 9.93 -7.70 12.98
C VAL B 137 10.37 -9.11 12.56
N TRP B 138 10.95 -9.80 13.54
CA TRP B 138 11.26 -11.21 13.44
C TRP B 138 10.79 -11.88 14.74
N TYR B 139 11.18 -11.28 15.87
CA TYR B 139 10.76 -11.73 17.19
C TYR B 139 9.64 -10.82 17.71
N ARG B 140 8.63 -11.41 18.33
CA ARG B 140 7.53 -10.64 18.92
C ARG B 140 8.04 -9.82 20.10
N PHE B 141 8.82 -10.45 20.96
CA PHE B 141 9.44 -9.76 22.09
C PHE B 141 10.75 -9.15 21.61
N THR B 142 10.67 -7.91 21.12
CA THR B 142 11.83 -7.20 20.58
C THR B 142 12.36 -6.21 21.62
N ASP B 143 13.58 -6.45 22.09
CA ASP B 143 14.22 -5.58 23.07
C ASP B 143 14.82 -4.34 22.43
N PHE B 144 14.80 -3.23 23.18
CA PHE B 144 15.39 -1.96 22.74
C PHE B 144 16.31 -1.45 23.83
N GLN B 145 17.60 -1.36 23.52
CA GLN B 145 18.59 -0.90 24.49
C GLN B 145 18.45 0.60 24.67
N VAL B 146 18.30 1.04 25.92
CA VAL B 146 18.13 2.45 26.22
C VAL B 146 19.49 3.04 26.58
N PRO B 147 19.80 4.26 26.10
CA PRO B 147 21.08 4.87 26.48
C PRO B 147 21.16 5.18 27.97
N GLU B 148 22.36 5.08 28.53
CA GLU B 148 22.56 5.32 29.95
C GLU B 148 22.35 6.79 30.32
N ARG B 149 22.79 7.69 29.45
CA ARG B 149 22.72 9.13 29.72
C ARG B 149 21.38 9.78 29.33
N MET B 150 20.30 9.00 29.28
CA MET B 150 18.98 9.56 28.97
C MET B 150 18.48 10.39 30.16
N PRO B 151 18.16 11.68 29.91
CA PRO B 151 17.67 12.55 30.97
C PRO B 151 16.22 12.25 31.35
N PRO B 152 15.77 12.77 32.52
CA PRO B 152 14.40 12.53 32.95
C PRO B 152 13.40 13.37 32.17
N CYS B 153 12.23 12.80 31.91
CA CYS B 153 11.19 13.48 31.16
C CYS B 153 10.42 14.47 32.03
N PRO B 154 9.73 15.46 31.40
CA PRO B 154 8.97 16.47 32.16
C PRO B 154 7.87 15.88 33.06
N PRO B 155 7.30 16.71 33.95
CA PRO B 155 6.27 16.31 34.93
C PRO B 155 5.15 15.41 34.40
N GLY B 156 4.60 15.72 33.23
CA GLY B 156 3.51 14.95 32.65
C GLY B 156 3.95 13.80 31.74
N GLY B 157 5.21 13.37 31.88
CA GLY B 157 5.76 12.32 31.03
C GLY B 157 6.13 12.84 29.67
N CYS B 158 6.60 11.95 28.80
CA CYS B 158 6.97 12.30 27.42
C CYS B 158 6.33 11.31 26.45
N HIS B 159 6.51 11.55 25.16
CA HIS B 159 5.93 10.69 24.12
C HIS B 159 6.99 10.00 23.27
N CYS B 160 6.67 8.78 22.84
CA CYS B 160 7.54 7.97 22.01
C CYS B 160 6.78 7.45 20.81
N ALA B 161 7.51 6.87 19.86
CA ALA B 161 6.92 6.29 18.66
C ALA B 161 7.77 5.15 18.14
N TRP B 162 7.11 4.09 17.67
CA TRP B 162 7.78 2.94 17.09
C TRP B 162 7.65 3.04 15.57
N PHE B 163 8.79 3.03 14.88
CA PHE B 163 8.83 3.12 13.42
C PHE B 163 9.42 1.87 12.81
N TRP B 164 9.02 1.58 11.57
CA TRP B 164 9.52 0.40 10.86
C TRP B 164 9.35 0.54 9.35
N ILE B 165 10.42 0.25 8.62
CA ILE B 165 10.39 0.20 7.15
C ILE B 165 11.01 -1.13 6.74
N HIS B 166 10.32 -1.85 5.86
CA HIS B 166 10.74 -3.21 5.49
C HIS B 166 11.37 -3.28 4.10
N SER B 167 11.88 -4.47 3.77
CA SER B 167 12.56 -4.69 2.49
C SER B 167 11.62 -4.54 1.30
N PRO B 168 12.16 -4.12 0.13
CA PRO B 168 11.32 -4.03 -1.07
C PRO B 168 11.01 -5.36 -1.71
N ASP B 169 11.81 -6.39 -1.40
CA ASP B 169 11.64 -7.71 -2.01
C ASP B 169 10.47 -8.53 -1.47
N SER B 170 9.70 -7.98 -0.54
CA SER B 170 8.53 -8.67 -0.01
C SER B 170 7.35 -7.72 0.20
N GLY B 171 6.32 -7.87 -0.64
CA GLY B 171 5.10 -7.08 -0.52
C GLY B 171 5.23 -5.62 -0.89
N GLY B 172 4.11 -4.91 -0.78
CA GLY B 172 4.05 -3.48 -1.09
C GLY B 172 4.83 -2.67 -0.08
N GLU B 173 5.35 -1.53 -0.52
CA GLU B 173 6.19 -0.71 0.32
C GLU B 173 5.40 0.41 1.00
N GLN B 174 5.80 0.73 2.23
CA GLN B 174 5.11 1.70 3.08
C GLN B 174 5.97 2.01 4.31
N ILE B 175 5.42 2.77 5.25
CA ILE B 175 6.05 2.95 6.56
C ILE B 175 5.06 2.56 7.67
N TYR B 176 5.57 2.39 8.87
CA TYR B 176 4.77 2.03 10.03
C TYR B 176 5.07 2.94 11.21
N MET B 177 4.02 3.43 11.87
CA MET B 177 4.18 4.30 13.03
C MET B 177 3.10 4.03 14.09
N ASN B 178 3.55 3.92 15.34
CA ASN B 178 2.66 3.72 16.48
C ASN B 178 3.14 4.57 17.65
N GLY B 179 2.47 5.69 17.90
CA GLY B 179 2.83 6.59 19.00
C GLY B 179 2.28 6.09 20.33
N PHE B 180 2.94 6.48 21.42
CA PHE B 180 2.51 6.05 22.75
C PHE B 180 3.14 6.88 23.86
N GLN B 181 2.52 6.83 25.05
CA GLN B 181 3.04 7.51 26.23
C GLN B 181 4.18 6.70 26.82
N CYS B 182 5.34 7.33 26.97
CA CYS B 182 6.51 6.67 27.55
C CYS B 182 7.10 7.51 28.66
N ASN B 183 8.04 6.91 29.39
CA ASN B 183 8.73 7.59 30.47
C ASN B 183 10.06 6.88 30.73
N ILE B 184 11.04 7.63 31.23
CA ILE B 184 12.37 7.09 31.46
C ILE B 184 12.66 6.89 32.95
N THR B 185 13.09 5.68 33.30
CA THR B 185 13.42 5.30 34.67
C THR B 185 14.94 5.07 34.76
N GLY B 186 15.47 5.16 35.98
CA GLY B 186 16.90 4.96 36.22
C GLY B 186 17.78 6.06 35.67
N SER B 187 17.24 7.26 35.53
CA SER B 187 17.97 8.39 34.97
C SER B 187 19.08 8.86 35.92
N THR B 188 20.30 8.93 35.40
CA THR B 188 21.45 9.39 36.16
C THR B 188 22.15 10.53 35.40
N SER B 189 21.36 11.41 34.81
CA SER B 189 21.88 12.54 34.03
C SER B 189 20.79 13.58 33.79
N HIS B 190 21.21 14.80 33.50
CA HIS B 190 20.28 15.90 33.20
C HIS B 190 20.61 16.63 31.89
N VAL B 191 21.62 16.15 31.16
CA VAL B 191 22.01 16.77 29.90
C VAL B 191 20.98 16.37 28.84
N PRO B 192 20.24 17.36 28.29
CA PRO B 192 19.18 17.05 27.34
C PRO B 192 19.66 16.54 25.98
N LEU B 193 18.72 16.16 25.12
CA LEU B 193 19.03 15.66 23.78
C LEU B 193 19.24 16.83 22.82
N ALA B 194 20.11 16.62 21.83
CA ALA B 194 20.36 17.63 20.80
C ALA B 194 19.20 17.63 19.81
N LYS B 195 19.00 18.76 19.13
CA LYS B 195 17.95 18.87 18.13
C LYS B 195 18.24 17.87 17.00
N PRO B 196 17.35 16.89 16.80
CA PRO B 196 17.61 15.83 15.82
C PRO B 196 17.55 16.33 14.38
N LYS B 197 18.36 15.72 13.52
CA LYS B 197 18.48 16.13 12.13
C LYS B 197 18.17 14.97 11.19
N VAL B 198 17.87 15.30 9.93
CA VAL B 198 17.47 14.31 8.93
C VAL B 198 18.59 13.32 8.66
N ALA B 199 18.25 12.03 8.64
CA ALA B 199 19.22 10.96 8.39
C ALA B 199 19.55 10.88 6.90
N ARG B 200 20.83 10.82 6.58
CA ARG B 200 21.29 10.77 5.20
C ARG B 200 21.65 9.34 4.80
N ARG B 201 21.46 9.00 3.53
CA ARG B 201 21.77 7.68 3.00
C ARG B 201 23.30 7.52 2.97
N CYS B 202 23.83 7.10 4.10
CA CYS B 202 25.27 7.11 4.34
C CYS B 202 26.00 5.82 3.96
N GLY B 203 25.58 4.72 4.57
CA GLY B 203 26.25 3.43 4.43
C GLY B 203 26.28 2.81 3.04
N ALA B 204 26.84 1.61 2.98
CA ALA B 204 27.00 0.88 1.72
C ALA B 204 25.77 0.05 1.40
N ASP B 205 25.55 -0.17 0.10
CA ASP B 205 24.48 -1.05 -0.39
C ASP B 205 24.84 -1.55 -1.80
N PRO B 206 25.52 -2.71 -1.88
CA PRO B 206 25.93 -3.29 -3.16
C PRO B 206 24.80 -3.41 -4.19
N ASP B 207 23.60 -3.74 -3.73
CA ASP B 207 22.43 -3.93 -4.60
C ASP B 207 22.13 -2.72 -5.49
N HIS B 208 22.25 -1.52 -4.93
CA HIS B 208 21.95 -0.28 -5.66
C HIS B 208 23.17 0.44 -6.22
N GLY B 209 24.28 -0.27 -6.40
CA GLY B 209 25.47 0.29 -7.02
C GLY B 209 26.67 0.42 -6.09
N LYS B 210 26.61 1.42 -5.20
CA LYS B 210 27.73 1.74 -4.30
C LYS B 210 28.05 0.63 -3.30
N PRO B 211 29.23 -0.02 -3.43
CA PRO B 211 29.62 -1.08 -2.51
C PRO B 211 30.41 -0.58 -1.28
N ASP B 212 30.87 0.67 -1.31
CA ASP B 212 31.65 1.25 -0.22
C ASP B 212 30.90 2.37 0.47
N ALA B 213 30.91 2.37 1.80
CA ALA B 213 30.25 3.41 2.58
C ALA B 213 30.97 4.74 2.43
N VAL B 214 30.24 5.82 2.68
CA VAL B 214 30.80 7.18 2.58
C VAL B 214 30.67 7.89 3.93
N PRO B 215 31.62 7.65 4.85
CA PRO B 215 31.60 8.23 6.20
C PRO B 215 31.29 9.72 6.27
N GLY B 216 31.80 10.48 5.29
CA GLY B 216 31.60 11.92 5.24
C GLY B 216 30.18 12.38 4.98
N ASN B 217 29.32 11.46 4.52
CA ASN B 217 27.94 11.79 4.19
C ASN B 217 26.95 11.47 5.31
N CYS B 218 27.45 10.93 6.42
CA CYS B 218 26.61 10.52 7.54
C CYS B 218 26.06 11.68 8.36
N THR B 219 24.94 11.43 9.03
CA THR B 219 24.37 12.34 10.02
C THR B 219 24.74 11.70 11.34
N TYR B 220 25.59 12.37 12.12
CA TYR B 220 26.17 11.79 13.32
C TYR B 220 25.45 12.07 14.65
N GLY B 221 24.82 13.23 14.77
CA GLY B 221 24.13 13.58 16.02
C GLY B 221 22.85 12.82 16.25
N ALA B 222 21.87 13.48 16.86
CA ALA B 222 20.54 12.92 17.05
C ALA B 222 19.87 12.88 15.68
N LYS B 223 19.18 11.79 15.38
CA LYS B 223 18.52 11.64 14.08
C LYS B 223 17.00 11.54 14.18
N GLN B 224 16.31 12.18 13.23
CA GLN B 224 14.86 12.12 13.15
C GLN B 224 14.43 10.78 12.58
N PRO B 225 13.14 10.41 12.77
CA PRO B 225 12.67 9.18 12.14
C PRO B 225 12.61 9.33 10.62
N LEU B 226 12.48 8.20 9.93
CA LEU B 226 12.41 8.20 8.47
C LEU B 226 10.97 8.35 7.97
N TYR B 227 10.57 9.59 7.68
CA TYR B 227 9.25 9.86 7.13
C TYR B 227 9.35 9.75 5.62
N TRP B 228 8.64 8.78 5.06
CA TRP B 228 8.84 8.43 3.66
C TRP B 228 7.56 7.89 3.01
N LEU B 229 7.46 8.09 1.69
CA LEU B 229 6.38 7.55 0.87
C LEU B 229 4.99 8.13 1.18
N GLN B 230 4.94 9.32 1.77
CA GLN B 230 3.67 9.96 2.12
C GLN B 230 3.36 11.11 1.19
N LYS B 231 2.15 11.65 1.32
CA LYS B 231 1.72 12.78 0.52
C LYS B 231 2.27 14.09 1.08
N GLU B 232 2.49 14.14 2.39
CA GLU B 232 2.98 15.35 3.06
C GLU B 232 3.99 15.03 4.17
N GLY B 233 4.86 15.99 4.45
CA GLY B 233 5.79 15.92 5.57
C GLY B 233 6.88 14.87 5.51
N ASN B 234 7.46 14.66 4.32
CA ASN B 234 8.54 13.70 4.15
C ASN B 234 9.91 14.34 4.34
N ASN B 235 10.81 13.63 5.02
CA ASN B 235 12.21 14.05 5.14
C ASN B 235 13.14 13.19 4.28
N GLU B 236 12.64 12.04 3.85
CA GLU B 236 13.35 11.16 2.91
C GLU B 236 12.59 11.15 1.60
N PHE B 237 13.31 11.22 0.48
CA PHE B 237 12.68 11.29 -0.83
C PHE B 237 13.18 10.20 -1.78
N ASP B 238 13.62 9.08 -1.23
CA ASP B 238 14.10 7.97 -2.05
C ASP B 238 12.95 7.34 -2.84
N ASP B 239 13.29 6.61 -3.89
CA ASP B 239 12.28 5.97 -4.72
C ASP B 239 11.71 4.75 -4.02
N TYR B 240 10.46 4.43 -4.37
CA TYR B 240 9.73 3.26 -3.87
C TYR B 240 10.59 2.01 -3.73
N ILE B 241 11.41 1.73 -4.75
CA ILE B 241 12.23 0.50 -4.77
C ILE B 241 13.57 0.60 -4.03
N ALA B 242 13.93 1.79 -3.56
CA ALA B 242 15.18 2.01 -2.82
C ALA B 242 14.89 2.70 -1.48
N PRO B 243 14.06 2.09 -0.64
CA PRO B 243 13.62 2.71 0.61
C PRO B 243 14.73 2.89 1.63
N PRO B 244 14.57 3.89 2.51
CA PRO B 244 15.51 4.08 3.61
C PRO B 244 15.21 3.06 4.71
N PHE B 245 16.22 2.74 5.53
CA PHE B 245 16.05 1.77 6.61
C PHE B 245 16.64 2.28 7.92
N TYR B 246 16.26 1.63 9.01
CA TYR B 246 16.86 1.89 10.32
C TYR B 246 18.02 0.91 10.46
N ASN B 247 19.06 1.18 9.67
CA ASN B 247 20.25 0.32 9.55
C ASN B 247 21.52 1.14 9.53
N ASP B 248 22.64 0.46 9.35
CA ASP B 248 23.92 1.11 9.12
C ASP B 248 23.81 2.01 7.89
N LEU B 249 23.00 1.60 6.91
CA LEU B 249 22.76 2.38 5.70
C LEU B 249 22.41 3.85 5.95
N TYR B 250 21.74 4.13 7.08
CA TYR B 250 21.42 5.51 7.46
C TYR B 250 22.07 5.88 8.81
N ASN B 251 23.17 5.20 9.11
CA ASN B 251 23.94 5.40 10.35
C ASN B 251 23.16 5.11 11.63
N PHE B 252 22.18 4.20 11.55
CA PHE B 252 21.44 3.77 12.73
C PHE B 252 22.11 2.50 13.26
N LYS B 253 23.01 2.67 14.21
CA LYS B 253 23.74 1.55 14.81
C LYS B 253 22.79 0.65 15.56
N ASP B 254 23.06 -0.66 15.53
CA ASP B 254 22.26 -1.61 16.27
C ASP B 254 22.44 -1.29 17.75
N GLY B 255 21.34 -1.27 18.50
CA GLY B 255 21.39 -0.97 19.92
C GLY B 255 21.07 0.49 20.22
N ALA B 256 21.52 0.96 21.38
CA ALA B 256 21.21 2.32 21.83
C ALA B 256 21.99 3.38 21.07
N GLN B 257 21.35 4.51 20.82
CA GLN B 257 21.98 5.66 20.16
C GLN B 257 22.54 6.56 21.25
N ASN B 258 23.80 6.33 21.61
CA ASN B 258 24.45 7.02 22.73
C ASN B 258 24.97 8.43 22.44
N ASP B 259 24.98 8.83 21.17
CA ASP B 259 25.54 10.13 20.76
C ASP B 259 24.48 11.18 20.42
N ILE B 260 23.31 11.08 21.05
CA ILE B 260 22.18 11.98 20.75
C ILE B 260 22.09 13.19 21.67
N PHE B 261 23.06 13.36 22.57
CA PHE B 261 23.00 14.42 23.58
C PHE B 261 23.86 15.61 23.21
N VAL B 262 23.64 16.72 23.91
CA VAL B 262 24.33 17.98 23.63
C VAL B 262 25.84 17.85 23.87
N ASP B 263 26.21 17.20 24.96
CA ASP B 263 27.63 17.03 25.32
C ASP B 263 28.29 15.84 24.62
N SER B 264 27.54 15.11 23.79
CA SER B 264 28.09 13.92 23.11
C SER B 264 29.33 14.25 22.28
N TYR B 265 29.20 15.21 21.37
CA TYR B 265 30.32 15.68 20.56
C TYR B 265 30.83 17.00 21.14
N PRO B 266 31.99 16.98 21.82
CA PRO B 266 32.47 18.17 22.54
C PRO B 266 32.79 19.39 21.68
N ASP B 267 33.63 19.22 20.68
CA ASP B 267 34.07 20.34 19.84
C ASP B 267 33.03 20.67 18.80
N GLY B 268 32.84 19.74 17.88
CA GLY B 268 31.94 19.93 16.76
C GLY B 268 30.90 18.84 16.67
N ILE B 269 29.87 19.09 15.87
CA ILE B 269 28.82 18.11 15.62
C ILE B 269 28.68 18.03 14.10
N PRO B 270 29.51 17.20 13.45
CA PRO B 270 29.50 17.12 12.00
C PRO B 270 28.32 16.30 11.45
#